data_5ELR
#
_entry.id   5ELR
#
_cell.length_a   42.380
_cell.length_b   45.560
_cell.length_c   151.980
_cell.angle_alpha   90.000
_cell.angle_beta   90.000
_cell.angle_gamma   90.000
#
_symmetry.space_group_name_H-M   'P 21 21 21'
#
loop_
_entity.id
_entity.type
_entity.pdbx_description
1 polymer "RNA (5'-R(*AP*AP*UP*AP*AP*U)-3')"
2 polymer 'KH domain-containing, RNA-binding, signal transduction-associated protein 3'
3 water water
#
loop_
_entity_poly.entity_id
_entity_poly.type
_entity_poly.pdbx_seq_one_letter_code
_entity_poly.pdbx_strand_id
1 'polyribonucleotide' AAUAAU B
2 'polypeptide(L)'
;GAINKNMKLGQKVLIPVKQFPKFNFVGKLLGPRGNSLKRLQEETLTKMSILGKGSMRDKAKEEELRKSGEAKYFHLNDDL
HVLIEVFAPPAEAYARMGHALEEIKKFLIPDYNDEIRQAQLQELTYLNGGSENADV
;
C,D
#
loop_
_chem_comp.id
_chem_comp.type
_chem_comp.name
_chem_comp.formula
A RNA linking ADENOSINE-5'-MONOPHOSPHATE 'C10 H14 N5 O7 P'
U RNA linking URIDINE-5'-MONOPHOSPHATE 'C9 H13 N2 O9 P'
#
# COMPACT_ATOMS: atom_id res chain seq x y z
N GLY B 1 -4.71 -7.75 -6.59
CA GLY B 1 -5.83 -7.69 -7.55
C GLY B 1 -5.41 -7.53 -8.99
N ALA B 2 -6.41 -7.30 -9.85
CA ALA B 2 -6.16 -6.84 -11.22
C ALA B 2 -5.69 -5.40 -11.10
N ILE B 3 -4.85 -5.04 -12.06
CA ILE B 3 -4.10 -3.75 -12.05
C ILE B 3 -5.02 -2.49 -12.24
N ASN B 4 -6.30 -2.72 -12.55
CA ASN B 4 -7.27 -1.71 -12.95
C ASN B 4 -8.36 -1.36 -11.93
N LYS B 5 -8.74 -2.31 -11.07
CA LYS B 5 -9.87 -2.06 -10.13
C LYS B 5 -9.46 -1.19 -8.94
N ASN B 6 -10.38 -0.35 -8.48
CA ASN B 6 -10.18 0.42 -7.26
C ASN B 6 -9.92 -0.46 -6.06
N MET B 7 -8.93 -0.07 -5.26
CA MET B 7 -8.60 -0.79 -4.03
C MET B 7 -8.48 0.22 -2.91
N LYS B 8 -8.66 -0.29 -1.71
CA LYS B 8 -8.61 0.47 -0.49
C LYS B 8 -7.25 0.22 0.19
N LEU B 9 -6.58 1.30 0.64
CA LEU B 9 -5.42 1.19 1.55
C LEU B 9 -5.59 2.12 2.75
N GLY B 10 -5.04 1.71 3.89
CA GLY B 10 -5.12 2.49 5.10
C GLY B 10 -3.80 2.43 5.77
N GLN B 11 -3.36 3.54 6.34
CA GLN B 11 -2.12 3.55 7.11
C GLN B 11 -2.23 4.47 8.32
N LYS B 12 -1.97 3.92 9.49
CA LYS B 12 -1.84 4.64 10.70
C LYS B 12 -0.45 5.26 10.80
N VAL B 13 -0.39 6.53 11.21
CA VAL B 13 0.87 7.24 11.51
C VAL B 13 0.73 7.70 12.94
N LEU B 14 1.67 7.25 13.77
CA LEU B 14 1.72 7.61 15.19
C LEU B 14 2.09 9.07 15.33
N ILE B 15 1.37 9.76 16.19
CA ILE B 15 1.76 11.12 16.61
C ILE B 15 2.56 10.99 17.92
N PRO B 16 3.82 11.51 17.95
CA PRO B 16 4.74 11.19 19.04
C PRO B 16 4.59 12.03 20.32
N VAL B 17 3.39 11.95 20.89
CA VAL B 17 3.00 12.69 22.09
C VAL B 17 3.81 12.29 23.32
N LYS B 18 4.28 11.06 23.35
CA LYS B 18 5.04 10.54 24.47
C LYS B 18 6.41 11.14 24.43
N GLN B 19 6.98 11.15 23.24
CA GLN B 19 8.27 11.74 23.00
C GLN B 19 8.30 13.25 23.27
N PHE B 20 7.21 13.95 22.89
CA PHE B 20 7.10 15.43 22.99
C PHE B 20 5.78 15.80 23.64
N PRO B 21 5.67 15.53 24.96
CA PRO B 21 4.41 15.75 25.69
C PRO B 21 3.95 17.21 25.76
N LYS B 22 4.85 18.16 25.55
CA LYS B 22 4.48 19.55 25.62
C LYS B 22 3.91 20.10 24.34
N PHE B 23 3.88 19.35 23.25
CA PHE B 23 3.61 19.94 21.95
C PHE B 23 2.24 19.59 21.43
N ASN B 24 1.55 20.58 20.87
CA ASN B 24 0.18 20.42 20.46
C ASN B 24 0.19 20.03 19.00
N PHE B 25 0.27 18.71 18.79
CA PHE B 25 0.30 18.16 17.48
C PHE B 25 -1.05 18.34 16.79
N VAL B 26 -2.12 18.18 17.55
CA VAL B 26 -3.46 18.18 16.96
C VAL B 26 -3.80 19.54 16.37
N GLY B 27 -3.58 20.60 17.15
CA GLY B 27 -3.68 22.00 16.67
C GLY B 27 -2.80 22.32 15.50
N LYS B 28 -1.59 21.80 15.52
CA LYS B 28 -0.67 21.97 14.38
C LYS B 28 -1.20 21.26 13.13
N LEU B 29 -1.73 20.05 13.29
CA LEU B 29 -2.30 19.33 12.10
C LEU B 29 -3.53 20.02 11.49
N LEU B 30 -4.43 20.45 12.36
CA LEU B 30 -5.68 21.03 11.93
C LEU B 30 -5.52 22.43 11.41
N GLY B 31 -4.74 23.24 12.12
CA GLY B 31 -4.67 24.64 11.67
C GLY B 31 -6.00 25.34 11.94
N PRO B 32 -6.13 26.60 11.55
CA PRO B 32 -7.41 27.30 11.75
C PRO B 32 -8.53 26.73 10.87
N ARG B 33 -9.65 26.35 11.51
CA ARG B 33 -10.84 25.81 10.84
C ARG B 33 -10.64 24.40 10.27
N GLY B 34 -9.53 23.75 10.66
CA GLY B 34 -9.16 22.46 10.09
C GLY B 34 -8.56 22.52 8.68
N ASN B 35 -8.31 23.73 8.15
CA ASN B 35 -7.92 23.89 6.75
C ASN B 35 -6.54 23.35 6.48
N SER B 36 -5.69 23.19 7.49
CA SER B 36 -4.40 22.59 7.23
C SER B 36 -4.55 21.12 6.86
N LEU B 37 -5.26 20.38 7.68
CA LEU B 37 -5.50 18.97 7.36
C LEU B 37 -6.41 18.83 6.16
N LYS B 38 -7.43 19.68 6.03
CA LYS B 38 -8.26 19.68 4.81
C LYS B 38 -7.42 19.90 3.55
N ARG B 39 -6.49 20.84 3.59
CA ARG B 39 -5.67 21.14 2.40
C ARG B 39 -4.76 19.93 2.11
N LEU B 40 -4.25 19.35 3.17
CA LEU B 40 -3.33 18.31 3.00
C LEU B 40 -4.02 17.08 2.31
N GLN B 41 -5.22 16.77 2.75
CA GLN B 41 -6.05 15.75 2.10
C GLN B 41 -6.36 16.04 0.66
N GLU B 42 -6.84 17.25 0.38
CA GLU B 42 -7.17 17.65 -1.00
C GLU B 42 -5.95 17.57 -1.95
N GLU B 43 -4.80 18.03 -1.46
CA GLU B 43 -3.53 17.97 -2.19
C GLU B 43 -3.05 16.53 -2.45
N THR B 44 -3.25 15.65 -1.50
CA THR B 44 -2.71 14.30 -1.60
C THR B 44 -3.73 13.31 -2.20
N LEU B 45 -4.97 13.75 -2.30
CA LEU B 45 -6.08 12.92 -2.72
C LEU B 45 -6.27 11.74 -1.76
N THR B 46 -6.16 12.02 -0.47
CA THR B 46 -6.41 11.07 0.58
C THR B 46 -7.46 11.57 1.54
N LYS B 47 -7.93 10.67 2.37
CA LYS B 47 -8.70 11.01 3.51
C LYS B 47 -7.82 10.83 4.76
N MET B 48 -7.89 11.78 5.68
CA MET B 48 -7.10 11.76 6.91
C MET B 48 -8.02 12.02 8.11
N SER B 49 -7.87 11.21 9.15
CA SER B 49 -8.65 11.33 10.36
C SER B 49 -7.67 11.28 11.51
N ILE B 50 -7.84 12.19 12.46
CA ILE B 50 -7.07 12.16 13.66
C ILE B 50 -7.86 11.37 14.69
N LEU B 51 -7.23 10.34 15.24
CA LEU B 51 -7.90 9.33 16.05
C LEU B 51 -6.99 9.01 17.27
N GLY B 52 -7.56 8.35 18.27
CA GLY B 52 -6.82 7.93 19.42
C GLY B 52 -7.00 8.86 20.61
N LYS B 53 -6.34 8.49 21.68
CA LYS B 53 -6.39 9.23 22.92
C LYS B 53 -5.85 10.59 22.68
N GLY B 54 -6.57 11.65 23.04
CA GLY B 54 -6.13 13.00 22.75
C GLY B 54 -6.70 13.56 21.46
N SER B 55 -7.48 12.80 20.69
CA SER B 55 -7.98 13.33 19.41
C SER B 55 -9.05 14.39 19.49
N MET B 56 -9.81 14.40 20.58
CA MET B 56 -11.03 15.21 20.62
C MET B 56 -10.76 16.50 21.37
N ARG B 57 -11.49 17.54 20.99
CA ARG B 57 -11.32 18.87 21.59
C ARG B 57 -11.44 18.82 23.12
N ASP B 58 -12.13 17.81 23.66
CA ASP B 58 -12.82 17.89 24.90
C ASP B 58 -12.54 16.60 25.70
N LYS B 59 -11.65 16.72 26.68
CA LYS B 59 -11.13 15.59 27.45
C LYS B 59 -12.14 14.91 28.35
N ALA B 60 -13.13 15.66 28.81
CA ALA B 60 -14.23 15.08 29.57
C ALA B 60 -15.07 14.13 28.71
N LYS B 61 -15.50 14.66 27.57
CA LYS B 61 -16.35 13.98 26.60
C LYS B 61 -15.65 12.74 26.05
N GLU B 62 -14.34 12.86 25.85
CA GLU B 62 -13.54 11.79 25.30
C GLU B 62 -13.62 10.59 26.23
N GLU B 63 -13.38 10.87 27.50
CA GLU B 63 -13.47 9.86 28.52
C GLU B 63 -14.84 9.21 28.68
N GLU B 64 -15.87 9.97 28.35
CA GLU B 64 -17.24 9.46 28.37
C GLU B 64 -17.44 8.45 27.22
N LEU B 65 -17.03 8.83 26.03
CA LEU B 65 -17.22 8.00 24.84
C LEU B 65 -16.40 6.72 24.86
N ARG B 66 -15.25 6.80 25.54
CA ARG B 66 -14.34 5.70 25.68
C ARG B 66 -15.03 4.70 26.56
N LYS B 67 -15.55 5.18 27.70
CA LYS B 67 -16.31 4.38 28.65
C LYS B 67 -17.60 3.72 28.10
N SER B 68 -18.25 4.33 27.11
CA SER B 68 -19.47 3.75 26.47
C SER B 68 -19.26 2.38 25.84
N GLY B 69 -18.06 2.10 25.32
CA GLY B 69 -17.83 0.81 24.69
C GLY B 69 -18.50 0.65 23.33
N GLU B 70 -18.95 1.75 22.75
CA GLU B 70 -19.42 1.79 21.38
C GLU B 70 -18.21 1.67 20.47
N ALA B 71 -18.37 0.87 19.41
CA ALA B 71 -17.27 0.44 18.56
C ALA B 71 -16.74 1.54 17.71
N LYS B 72 -17.59 2.50 17.40
CA LYS B 72 -17.14 3.72 16.73
C LYS B 72 -16.10 4.54 17.54
N TYR B 73 -16.03 4.33 18.87
CA TYR B 73 -15.07 5.03 19.74
C TYR B 73 -13.95 4.16 20.28
N PHE B 74 -13.89 2.90 19.87
CA PHE B 74 -12.79 2.03 20.26
C PHE B 74 -11.45 2.71 20.03
N HIS B 75 -11.33 3.44 18.93
CA HIS B 75 -10.10 4.17 18.63
C HIS B 75 -9.54 5.01 19.80
N LEU B 76 -10.40 5.43 20.71
CA LEU B 76 -10.00 6.30 21.82
C LEU B 76 -9.18 5.59 22.87
N ASN B 77 -9.19 4.26 22.81
CA ASN B 77 -8.29 3.43 23.64
C ASN B 77 -6.91 3.20 23.04
N ASP B 78 -6.80 3.57 21.79
CA ASP B 78 -5.53 3.54 21.07
C ASP B 78 -4.73 4.79 21.24
N ASP B 79 -3.45 4.71 20.88
CA ASP B 79 -2.53 5.82 20.81
C ASP B 79 -2.97 6.81 19.77
N LEU B 80 -2.60 8.08 20.02
CA LEU B 80 -2.93 9.16 19.12
C LEU B 80 -2.33 8.97 17.74
N HIS B 81 -3.15 9.13 16.68
CA HIS B 81 -2.63 8.90 15.36
C HIS B 81 -3.48 9.51 14.26
N VAL B 82 -2.89 9.58 13.08
CA VAL B 82 -3.60 9.94 11.88
C VAL B 82 -3.79 8.68 11.07
N LEU B 83 -5.03 8.41 10.71
CA LEU B 83 -5.35 7.33 9.80
C LEU B 83 -5.50 7.95 8.43
N ILE B 84 -4.65 7.52 7.50
CA ILE B 84 -4.64 7.96 6.12
C ILE B 84 -5.29 6.82 5.32
N GLU B 85 -6.27 7.16 4.52
CA GLU B 85 -7.00 6.24 3.72
C GLU B 85 -7.08 6.69 2.28
N VAL B 86 -7.10 5.71 1.38
CA VAL B 86 -7.15 5.98 -0.05
C VAL B 86 -7.94 4.89 -0.73
N PHE B 87 -8.62 5.28 -1.80
CA PHE B 87 -9.42 4.39 -2.61
C PHE B 87 -9.24 4.77 -4.09
N ALA B 88 -8.49 3.97 -4.84
CA ALA B 88 -8.11 4.26 -6.23
C ALA B 88 -7.46 3.00 -6.82
N PRO B 89 -7.27 2.95 -8.17
CA PRO B 89 -6.58 1.74 -8.71
C PRO B 89 -5.16 1.59 -8.09
N PRO B 90 -4.66 0.36 -7.95
CA PRO B 90 -3.46 0.08 -7.17
C PRO B 90 -2.28 1.05 -7.35
N ALA B 91 -1.84 1.31 -8.56
CA ALA B 91 -0.69 2.20 -8.75
C ALA B 91 -0.94 3.63 -8.19
N GLU B 92 -2.13 4.15 -8.42
CA GLU B 92 -2.52 5.48 -7.91
C GLU B 92 -2.73 5.47 -6.40
N ALA B 93 -3.29 4.38 -5.87
CA ALA B 93 -3.50 4.27 -4.44
C ALA B 93 -2.19 4.28 -3.68
N TYR B 94 -1.24 3.49 -4.13
CA TYR B 94 0.05 3.48 -3.42
C TYR B 94 0.81 4.81 -3.56
N ALA B 95 0.77 5.43 -4.75
CA ALA B 95 1.44 6.73 -5.01
C ALA B 95 0.89 7.81 -4.09
N ARG B 96 -0.43 7.88 -4.01
CA ARG B 96 -1.10 8.81 -3.12
C ARG B 96 -0.71 8.68 -1.70
N MET B 97 -0.70 7.44 -1.24
CA MET B 97 -0.27 7.17 0.09
C MET B 97 1.16 7.58 0.35
N GLY B 98 2.06 7.31 -0.60
CA GLY B 98 3.49 7.64 -0.44
C GLY B 98 3.66 9.17 -0.29
N HIS B 99 2.89 9.90 -1.10
CA HIS B 99 2.93 11.34 -1.13
C HIS B 99 2.31 11.96 0.13
N ALA B 100 1.17 11.43 0.58
CA ALA B 100 0.60 11.84 1.89
C ALA B 100 1.52 11.61 3.09
N LEU B 101 2.21 10.47 3.10
CA LEU B 101 3.09 10.12 4.17
C LEU B 101 4.33 11.02 4.21
N GLU B 102 4.77 11.45 3.04
CA GLU B 102 5.86 12.37 2.93
C GLU B 102 5.43 13.77 3.47
N GLU B 103 4.26 14.23 3.01
CA GLU B 103 3.77 15.55 3.33
C GLU B 103 3.39 15.71 4.79
N ILE B 104 3.00 14.62 5.41
CA ILE B 104 2.61 14.70 6.79
C ILE B 104 3.76 14.79 7.77
N LYS B 105 4.97 14.41 7.34
CA LYS B 105 6.16 14.37 8.21
C LYS B 105 6.46 15.67 8.89
N LYS B 106 6.42 16.77 8.16
CA LYS B 106 6.69 18.10 8.72
C LYS B 106 5.73 18.51 9.86
N PHE B 107 4.51 17.98 9.85
CA PHE B 107 3.53 18.27 10.92
C PHE B 107 3.81 17.48 12.20
N LEU B 108 4.69 16.48 12.12
CA LEU B 108 4.96 15.57 13.26
C LEU B 108 6.35 15.82 13.88
N ILE B 109 7.03 16.89 13.46
CA ILE B 109 8.13 17.55 14.12
C ILE B 109 7.59 18.81 14.87
N PRO B 110 7.86 18.86 16.17
CA PRO B 110 7.63 20.09 16.93
C PRO B 110 8.46 21.30 16.53
N ASP B 111 7.71 22.37 16.24
CA ASP B 111 8.05 23.81 16.51
C ASP B 111 6.93 24.73 16.01
N ILE C 3 7.01 7.13 11.46
CA ILE C 3 7.23 7.62 10.05
C ILE C 3 8.65 7.26 9.49
N ASN C 4 9.54 6.77 10.37
CA ASN C 4 10.97 6.58 10.09
C ASN C 4 11.43 5.13 9.93
N LYS C 5 10.77 4.17 10.59
CA LYS C 5 11.24 2.76 10.56
C LYS C 5 10.86 2.04 9.26
N ASN C 6 11.76 1.17 8.80
CA ASN C 6 11.49 0.32 7.67
C ASN C 6 10.24 -0.53 7.88
N MET C 7 9.41 -0.62 6.84
CA MET C 7 8.21 -1.43 6.87
C MET C 7 8.17 -2.26 5.61
N LYS C 8 7.46 -3.36 5.70
CA LYS C 8 7.28 -4.30 4.62
C LYS C 8 5.90 -4.07 3.98
N LEU C 9 5.84 -4.02 2.65
CA LEU C 9 4.56 -4.09 1.89
C LEU C 9 4.65 -5.17 0.79
N GLY C 10 3.52 -5.78 0.49
CA GLY C 10 3.46 -6.79 -0.55
C GLY C 10 2.20 -6.60 -1.31
N GLN C 11 2.26 -6.76 -2.63
CA GLN C 11 1.07 -6.68 -3.45
C GLN C 11 1.10 -7.72 -4.57
N LYS C 12 0.08 -8.53 -4.62
CA LYS C 12 -0.15 -9.43 -5.73
C LYS C 12 -0.82 -8.70 -6.88
N VAL C 13 -0.32 -8.94 -8.09
CA VAL C 13 -0.92 -8.45 -9.32
C VAL C 13 -1.26 -9.68 -10.14
N LEU C 14 -2.54 -9.82 -10.46
CA LEU C 14 -3.03 -10.95 -11.27
C LEU C 14 -2.54 -10.82 -12.70
N ILE C 15 -2.02 -11.93 -13.23
CA ILE C 15 -1.76 -12.02 -14.68
C ILE C 15 -2.98 -12.65 -15.36
N PRO C 16 -3.61 -11.93 -16.32
CA PRO C 16 -4.93 -12.31 -16.81
C PRO C 16 -4.95 -13.40 -17.91
N VAL C 17 -4.39 -14.54 -17.58
CA VAL C 17 -4.21 -15.68 -18.49
C VAL C 17 -5.51 -16.24 -19.01
N LYS C 18 -6.57 -16.13 -18.21
CA LYS C 18 -7.87 -16.67 -18.56
C LYS C 18 -8.45 -15.79 -19.63
N GLN C 19 -8.40 -14.48 -19.38
CA GLN C 19 -8.91 -13.50 -20.34
C GLN C 19 -8.15 -13.54 -21.66
N PHE C 20 -6.82 -13.77 -21.62
CA PHE C 20 -5.99 -13.74 -22.85
C PHE C 20 -5.10 -14.98 -22.91
N PRO C 21 -5.71 -16.15 -23.14
CA PRO C 21 -4.96 -17.42 -23.14
C PRO C 21 -3.89 -17.56 -24.24
N LYS C 22 -3.99 -16.78 -25.30
CA LYS C 22 -3.03 -16.82 -26.39
C LYS C 22 -1.83 -15.95 -26.19
N PHE C 23 -1.73 -15.24 -25.10
CA PHE C 23 -0.63 -14.30 -24.90
C PHE C 23 0.32 -14.81 -23.82
N ASN C 24 1.61 -14.73 -24.10
CA ASN C 24 2.60 -15.36 -23.26
C ASN C 24 3.06 -14.28 -22.32
N PHE C 25 2.39 -14.18 -21.19
CA PHE C 25 2.69 -13.14 -20.25
C PHE C 25 4.05 -13.40 -19.59
N VAL C 26 4.35 -14.66 -19.30
CA VAL C 26 5.57 -14.97 -18.54
C VAL C 26 6.81 -14.62 -19.36
N GLY C 27 6.84 -15.07 -20.61
CA GLY C 27 7.89 -14.68 -21.57
C GLY C 27 8.00 -13.19 -21.80
N LYS C 28 6.88 -12.51 -21.85
CA LYS C 28 6.87 -11.08 -21.95
C LYS C 28 7.44 -10.40 -20.69
N LEU C 29 7.10 -10.91 -19.52
CA LEU C 29 7.66 -10.33 -18.25
C LEU C 29 9.18 -10.49 -18.08
N LEU C 30 9.61 -11.70 -18.40
CA LEU C 30 11.02 -12.08 -18.21
C LEU C 30 11.89 -11.48 -19.32
N GLY C 31 11.39 -11.49 -20.54
CA GLY C 31 11.98 -10.78 -21.69
C GLY C 31 12.64 -11.74 -22.68
N PRO C 32 13.20 -11.20 -23.76
CA PRO C 32 13.91 -12.07 -24.74
C PRO C 32 15.18 -12.75 -24.17
N ARG C 33 15.99 -12.04 -23.37
CA ARG C 33 17.07 -12.72 -22.67
C ARG C 33 16.69 -13.25 -21.31
N GLY C 34 15.44 -13.12 -20.86
CA GLY C 34 15.06 -13.56 -19.53
C GLY C 34 15.41 -12.63 -18.39
N ASN C 35 15.95 -11.47 -18.64
CA ASN C 35 16.23 -10.57 -17.51
C ASN C 35 15.39 -9.28 -17.34
N SER C 36 14.33 -9.13 -18.14
CA SER C 36 13.56 -7.86 -18.13
C SER C 36 12.96 -7.53 -16.76
N LEU C 37 12.47 -8.57 -16.14
CA LEU C 37 11.98 -8.49 -14.79
C LEU C 37 13.07 -8.14 -13.76
N LYS C 38 14.27 -8.66 -13.94
CA LYS C 38 15.41 -8.21 -13.09
C LYS C 38 15.65 -6.73 -13.17
N ARG C 39 15.56 -6.17 -14.37
CA ARG C 39 15.80 -4.72 -14.59
C ARG C 39 14.66 -4.00 -13.94
N LEU C 40 13.44 -4.46 -14.15
CA LEU C 40 12.25 -3.76 -13.67
C LEU C 40 12.35 -3.61 -12.13
N GLN C 41 12.72 -4.69 -11.46
CA GLN C 41 12.97 -4.67 -10.02
C GLN C 41 14.01 -3.68 -9.58
N GLU C 42 15.19 -3.74 -10.21
CA GLU C 42 16.29 -2.83 -9.87
C GLU C 42 15.91 -1.37 -10.08
N GLU C 43 15.22 -1.07 -11.17
CA GLU C 43 14.66 0.27 -11.49
C GLU C 43 13.64 0.78 -10.47
N THR C 44 12.77 -0.11 -10.00
CA THR C 44 11.69 0.29 -9.09
C THR C 44 12.06 0.15 -7.62
N LEU C 45 13.22 -0.45 -7.35
CA LEU C 45 13.66 -0.73 -6.00
C LEU C 45 12.71 -1.66 -5.26
N THR C 46 12.20 -2.65 -5.98
CA THR C 46 11.31 -3.64 -5.44
C THR C 46 11.85 -5.03 -5.70
N LYS C 47 11.25 -5.99 -5.05
CA LYS C 47 11.40 -7.38 -5.39
C LYS C 47 10.13 -7.83 -6.10
N MET C 48 10.27 -8.60 -7.17
CA MET C 48 9.15 -9.15 -7.95
C MET C 48 9.41 -10.61 -8.23
N SER C 49 8.37 -11.44 -8.00
CA SER C 49 8.43 -12.85 -8.21
C SER C 49 7.21 -13.21 -9.01
N ILE C 50 7.40 -14.06 -10.00
CA ILE C 50 6.32 -14.63 -10.74
C ILE C 50 5.94 -15.93 -10.05
N LEU C 51 4.68 -16.03 -9.65
CA LEU C 51 4.18 -17.09 -8.78
C LEU C 51 2.85 -17.60 -9.32
N GLY C 52 2.41 -18.75 -8.84
CA GLY C 52 1.13 -19.32 -9.19
C GLY C 52 1.27 -20.38 -10.21
N LYS C 53 0.12 -20.91 -10.59
CA LYS C 53 0.03 -21.99 -11.55
C LYS C 53 0.65 -21.52 -12.85
N GLY C 54 1.59 -22.30 -13.38
CA GLY C 54 2.28 -21.99 -14.62
C GLY C 54 3.62 -21.29 -14.37
N SER C 55 3.89 -20.81 -13.17
CA SER C 55 5.08 -19.96 -13.00
C SER C 55 6.42 -20.78 -13.10
N MET C 56 6.39 -22.09 -12.93
CA MET C 56 7.64 -22.80 -12.90
C MET C 56 8.15 -23.33 -14.23
N ARG C 57 7.36 -23.24 -15.30
CA ARG C 57 7.75 -23.78 -16.59
C ARG C 57 8.13 -25.30 -16.49
N ASP C 58 7.73 -25.96 -15.40
CA ASP C 58 7.90 -27.38 -15.26
C ASP C 58 6.65 -27.94 -14.55
N LYS C 59 5.70 -28.45 -15.34
CA LYS C 59 4.36 -28.80 -14.81
C LYS C 59 4.38 -30.02 -13.93
N ALA C 60 5.31 -30.93 -14.15
CA ALA C 60 5.46 -32.08 -13.29
C ALA C 60 5.90 -31.65 -11.90
N LYS C 61 7.01 -30.91 -11.86
CA LYS C 61 7.65 -30.44 -10.63
C LYS C 61 6.70 -29.55 -9.84
N GLU C 62 5.92 -28.77 -10.56
CA GLU C 62 5.03 -27.82 -9.94
C GLU C 62 3.99 -28.58 -9.13
N GLU C 63 3.41 -29.57 -9.78
CA GLU C 63 2.44 -30.42 -9.13
C GLU C 63 2.99 -31.22 -7.95
N GLU C 64 4.27 -31.52 -7.98
CA GLU C 64 4.94 -32.22 -6.88
C GLU C 64 5.03 -31.28 -5.67
N LEU C 65 5.51 -30.08 -5.90
CA LEU C 65 5.75 -29.11 -4.81
C LEU C 65 4.46 -28.63 -4.16
N ARG C 66 3.40 -28.62 -4.97
CA ARG C 66 2.09 -28.21 -4.53
C ARG C 66 1.60 -29.30 -3.56
N LYS C 67 1.70 -30.53 -4.00
CA LYS C 67 1.38 -31.71 -3.18
C LYS C 67 2.18 -31.88 -1.85
N SER C 68 3.42 -31.39 -1.80
CA SER C 68 4.22 -31.41 -0.55
C SER C 68 3.64 -30.67 0.65
N GLY C 69 2.88 -29.60 0.40
CA GLY C 69 2.31 -28.81 1.49
C GLY C 69 3.32 -27.95 2.23
N GLU C 70 4.51 -27.79 1.67
CA GLU C 70 5.51 -26.88 2.20
C GLU C 70 5.07 -25.44 1.92
N ALA C 71 5.25 -24.58 2.92
CA ALA C 71 4.68 -23.24 2.93
C ALA C 71 5.33 -22.31 1.92
N LYS C 72 6.59 -22.60 1.63
CA LYS C 72 7.31 -21.98 0.54
C LYS C 72 6.58 -22.08 -0.82
N TYR C 73 5.75 -23.11 -1.01
CA TYR C 73 5.05 -23.39 -2.27
C TYR C 73 3.56 -23.22 -2.24
N PHE C 74 3.05 -22.72 -1.12
CA PHE C 74 1.61 -22.42 -1.04
C PHE C 74 1.14 -21.61 -2.23
N HIS C 75 1.98 -20.66 -2.66
CA HIS C 75 1.66 -19.83 -3.82
C HIS C 75 1.19 -20.60 -5.09
N LEU C 76 1.57 -21.86 -5.21
CA LEU C 76 1.25 -22.67 -6.37
C LEU C 76 -0.19 -23.10 -6.43
N ASN C 77 -0.88 -22.92 -5.31
CA ASN C 77 -2.33 -23.11 -5.28
C ASN C 77 -3.01 -21.97 -5.96
N ASP C 78 -2.41 -20.80 -5.87
CA ASP C 78 -2.93 -19.63 -6.52
C ASP C 78 -2.86 -19.58 -8.08
N ASP C 79 -3.68 -18.67 -8.58
CA ASP C 79 -3.61 -18.10 -9.93
C ASP C 79 -2.27 -17.47 -10.21
N LEU C 80 -1.92 -17.47 -11.50
CA LEU C 80 -0.67 -16.88 -11.92
C LEU C 80 -0.56 -15.39 -11.57
N HIS C 81 0.53 -14.97 -10.96
CA HIS C 81 0.62 -13.58 -10.52
C HIS C 81 2.05 -13.15 -10.28
N VAL C 82 2.22 -11.83 -10.18
CA VAL C 82 3.48 -11.24 -9.77
C VAL C 82 3.26 -10.74 -8.35
N LEU C 83 4.14 -11.17 -7.45
CA LEU C 83 4.18 -10.63 -6.10
C LEU C 83 5.26 -9.54 -6.07
N ILE C 84 4.84 -8.32 -5.77
CA ILE C 84 5.73 -7.19 -5.64
C ILE C 84 5.89 -6.94 -4.14
N GLU C 85 7.14 -6.84 -3.70
CA GLU C 85 7.47 -6.63 -2.32
C GLU C 85 8.46 -5.50 -2.14
N VAL C 86 8.34 -4.81 -1.02
CA VAL C 86 9.19 -3.66 -0.73
C VAL C 86 9.43 -3.59 0.75
N PHE C 87 10.60 -3.10 1.10
CA PHE C 87 11.01 -2.93 2.46
C PHE C 87 11.78 -1.61 2.58
N ALA C 88 11.16 -0.59 3.15
CA ALA C 88 11.70 0.79 3.22
C ALA C 88 10.83 1.61 4.18
N PRO C 89 11.30 2.82 4.61
CA PRO C 89 10.42 3.62 5.47
C PRO C 89 9.08 3.93 4.75
N PRO C 90 7.98 4.07 5.50
CA PRO C 90 6.62 4.11 4.93
C PRO C 90 6.44 4.95 3.66
N ALA C 91 6.84 6.21 3.66
CA ALA C 91 6.65 7.04 2.48
C ALA C 91 7.34 6.50 1.23
N GLU C 92 8.58 6.00 1.40
CA GLU C 92 9.36 5.42 0.30
C GLU C 92 8.78 4.06 -0.12
N ALA C 93 8.30 3.29 0.84
CA ALA C 93 7.75 1.97 0.53
C ALA C 93 6.49 2.11 -0.31
N TYR C 94 5.60 3.01 0.06
CA TYR C 94 4.40 3.18 -0.73
C TYR C 94 4.68 3.77 -2.14
N ALA C 95 5.60 4.74 -2.23
CA ALA C 95 6.02 5.35 -3.52
C ALA C 95 6.62 4.29 -4.45
N ARG C 96 7.50 3.48 -3.92
CA ARG C 96 8.10 2.40 -4.72
C ARG C 96 7.10 1.43 -5.26
N MET C 97 6.18 1.05 -4.42
CA MET C 97 5.12 0.20 -4.84
C MET C 97 4.27 0.83 -5.91
N GLY C 98 3.95 2.12 -5.78
CA GLY C 98 3.14 2.83 -6.74
C GLY C 98 3.81 2.87 -8.11
N HIS C 99 5.12 3.11 -8.11
CA HIS C 99 5.95 3.19 -9.30
C HIS C 99 6.13 1.81 -9.97
N ALA C 100 6.39 0.77 -9.18
CA ALA C 100 6.40 -0.61 -9.70
C ALA C 100 5.09 -1.06 -10.32
N LEU C 101 3.96 -0.70 -9.71
CA LEU C 101 2.66 -1.08 -10.18
C LEU C 101 2.33 -0.36 -11.49
N GLU C 102 2.84 0.86 -11.64
CA GLU C 102 2.66 1.63 -12.84
C GLU C 102 3.45 0.97 -13.99
N GLU C 103 4.73 0.66 -13.70
CA GLU C 103 5.67 0.14 -14.67
C GLU C 103 5.28 -1.24 -15.14
N ILE C 104 4.67 -2.01 -14.26
CA ILE C 104 4.32 -3.35 -14.63
C ILE C 104 3.08 -3.45 -15.53
N LYS C 105 2.26 -2.41 -15.58
CA LYS C 105 1.01 -2.42 -16.34
C LYS C 105 1.16 -2.73 -17.79
N LYS C 106 2.16 -2.11 -18.45
CA LYS C 106 2.41 -2.37 -19.86
C LYS C 106 2.71 -3.84 -20.18
N PHE C 107 3.30 -4.57 -19.24
CA PHE C 107 3.60 -5.99 -19.43
C PHE C 107 2.34 -6.89 -19.37
N LEU C 108 1.24 -6.36 -18.82
CA LEU C 108 0.05 -7.12 -18.54
C LEU C 108 -1.17 -6.68 -19.31
N ILE C 109 -1.05 -5.85 -20.35
CA ILE C 109 -2.30 -5.60 -21.11
C ILE C 109 -2.11 -5.74 -22.58
N PRO C 110 -2.40 -6.93 -23.16
CA PRO C 110 -2.17 -7.13 -24.60
C PRO C 110 -2.88 -6.08 -25.54
N ASP C 111 -4.12 -5.74 -25.12
CA ASP C 111 -5.14 -4.94 -25.86
C ASP C 111 -5.38 -3.51 -25.34
N TYR C 112 -4.33 -2.87 -24.86
CA TYR C 112 -4.36 -1.47 -24.41
C TYR C 112 -5.01 -0.60 -25.50
N ASN C 113 -5.59 0.52 -25.08
CA ASN C 113 -6.25 1.42 -26.05
C ASN C 113 -5.22 2.20 -26.93
N ASP C 114 -5.40 2.13 -28.26
CA ASP C 114 -4.65 2.96 -29.24
C ASP C 114 -5.59 3.63 -30.28
N GLU C 115 -6.84 3.89 -29.88
CA GLU C 115 -7.76 4.75 -30.64
C GLU C 115 -8.58 5.61 -29.67
N ILE C 116 -8.78 6.86 -30.06
CA ILE C 116 -9.11 7.93 -29.16
C ILE C 116 -10.62 8.21 -29.16
#